data_5BOL
#
_entry.id   5BOL
#
_cell.length_a   50.640
_cell.length_b   79.114
_cell.length_c   55.702
_cell.angle_alpha   90.00
_cell.angle_beta   107.65
_cell.angle_gamma   90.00
#
_symmetry.space_group_name_H-M   'P 1 21 1'
#
loop_
_entity.id
_entity.type
_entity.pdbx_description
1 polymer "DNA (5'-D(*CP*CP*GP*AP*CP*(CDO)P*GP*CP*GP*CP*AP*TP*CP*AP*GP*C)-3')"
2 polymer "DNA (5'-D(*GP*CP*TP*GP*AP*TP*GP*CP*GP*C)-3')"
3 polymer "DNA (5'-D(P*GP*TP*CP*GP*G)-3')"
4 polymer 'DNA polymerase beta'
5 non-polymer 'MAGNESIUM ION'
6 non-polymer 'SODIUM ION'
7 non-polymer "2'-deoxy-5'-O-[(R)-hydroxy{[(S)-hydroxy(phosphonooxy)phosphoryl]methyl}phosphoryl]guanosine"
8 water water
#
loop_
_entity_poly.entity_id
_entity_poly.type
_entity_poly.pdbx_seq_one_letter_code
_entity_poly.pdbx_strand_id
1 'polydeoxyribonucleotide' (DC)(DC)(DG)(DA)(DC)(4U3)(DG)(DC)(DG)(DC)(DA)(DT)(DC)(DA)(DG)(DC) T
2 'polydeoxyribonucleotide' (DG)(DC)(DT)(DG)(DA)(DT)(DG)(DC)(DG)(DC) P
3 'polydeoxyribonucleotide' (DG)(DT)(DC)(DG)(DG) D
4 'polypeptide(L)'
;MSKRKAPQETLNGGITDMLTELANFEKNVSQAIHKYNAYRKAASVIAKYPHKIKSGAEAKKLPGVGTKIAEKIDEFLATG
KLRKLEKIRQDDTSSSINFLTRVSGIGPSAARKFVDEGIKTLEDLRKNEDKLNHHQRIGLKYFGDFEKRIPREEMLQMQD
IVLNEVKKVDSEYIATVCGSFRRGAESSGDMDVLLTHPSFTSESTKQPKLLHQVVEQLQKVHFITDTLSKGETKFMGVCQ
LPSKNDEKEYPHRRIDIRLIPKDQYYCGVLYFTGSDIFNKNMRAHALEKGFTINEYTIRPLGVTGVAGEPLPVDSEKDIF
DYIQWKYREPKDRSE
;
A
#
loop_
_chem_comp.id
_chem_comp.type
_chem_comp.name
_chem_comp.formula
1GC non-polymer 2'-deoxy-5'-O-[(R)-hydroxy{[(S)-hydroxy(phosphonooxy)phosphoryl]methyl}phosphoryl]guanosine 'C11 H18 N5 O12 P3'
4U3 DNA linking '5-chloro-2'-deoxycytidine 5'-(dihydrogen phosphate)' 'C9 H13 Cl N3 O7 P'
DA DNA linking 2'-DEOXYADENOSINE-5'-MONOPHOSPHATE 'C10 H14 N5 O6 P'
DC DNA linking 2'-DEOXYCYTIDINE-5'-MONOPHOSPHATE 'C9 H14 N3 O7 P'
DG DNA linking 2'-DEOXYGUANOSINE-5'-MONOPHOSPHATE 'C10 H14 N5 O7 P'
DT DNA linking THYMIDINE-5'-MONOPHOSPHATE 'C10 H15 N2 O8 P'
MG non-polymer 'MAGNESIUM ION' 'Mg 2'
NA non-polymer 'SODIUM ION' 'Na 1'
#
# COMPACT_ATOMS: atom_id res chain seq x y z
C2 4U3 A 6 -9.60 -0.26 5.36
N3 4U3 A 6 -8.90 0.06 4.23
C4 4U3 A 6 -9.56 0.27 3.08
C5 4U3 A 6 -10.95 0.18 3.03
C6 4U3 A 6 -11.64 -0.14 4.15
CL5 4U3 A 6 -11.75 0.47 1.54
P 4U3 A 6 -15.10 -2.01 3.46
OP1 4U3 A 6 -14.93 -0.95 2.34
OP2 4U3 A 6 -14.50 -3.35 3.02
C5' 4U3 A 6 -14.34 -2.50 5.83
O5' 4U3 A 6 -14.52 -1.54 4.80
C4' 4U3 A 6 -13.41 -2.18 6.93
O4' 4U3 A 6 -12.13 -2.05 6.44
C3' 4U3 A 6 -13.75 -0.90 7.59
O3' 4U3 A 6 -13.42 -1.08 8.95
C2' 4U3 A 6 -12.94 0.05 6.97
C1' 4U3 A 6 -11.72 -0.72 6.59
N1 4U3 A 6 -10.97 -0.34 5.33
O2 4U3 A 6 -8.99 -0.47 6.46
N4 4U3 A 6 -8.84 0.59 1.87
N THR D 10 0.16 -18.23 -11.60
CA THR D 10 -1.00 -17.41 -11.93
C THR D 10 -2.02 -18.20 -12.73
N LEU D 11 -2.76 -19.07 -12.05
CA LEU D 11 -3.77 -19.90 -12.69
C LEU D 11 -4.78 -19.09 -13.47
N ASN D 12 -5.20 -17.96 -12.91
CA ASN D 12 -6.21 -17.13 -13.56
C ASN D 12 -5.71 -15.71 -13.82
N GLY D 13 -4.43 -15.59 -14.16
CA GLY D 13 -3.82 -14.30 -14.41
C GLY D 13 -4.63 -13.43 -15.35
N GLY D 14 -5.14 -14.01 -16.41
CA GLY D 14 -5.92 -13.28 -17.40
C GLY D 14 -7.14 -12.58 -16.80
N ILE D 15 -7.88 -13.31 -15.97
CA ILE D 15 -9.08 -12.76 -15.33
C ILE D 15 -8.72 -11.70 -14.30
N THR D 16 -7.75 -11.97 -13.45
CA THR D 16 -7.40 -11.01 -12.41
C THR D 16 -6.83 -9.70 -12.99
N ASP D 17 -6.02 -9.80 -14.03
CA ASP D 17 -5.53 -8.61 -14.73
C ASP D 17 -6.70 -7.76 -15.21
N MET D 18 -7.67 -8.41 -15.84
CA MET D 18 -8.87 -7.74 -16.34
C MET D 18 -9.60 -7.00 -15.24
N LEU D 19 -9.87 -7.69 -14.14
CA LEU D 19 -10.56 -7.09 -13.01
C LEU D 19 -9.76 -5.92 -12.45
N THR D 20 -8.43 -6.07 -12.40
CA THR D 20 -7.56 -5.01 -11.90
C THR D 20 -7.60 -3.79 -12.81
N GLU D 21 -7.58 -4.03 -14.11
CA GLU D 21 -7.70 -2.94 -15.08
C GLU D 21 -9.04 -2.21 -14.91
N LEU D 22 -10.11 -2.98 -14.68
CA LEU D 22 -11.42 -2.38 -14.44
C LEU D 22 -11.44 -1.59 -13.13
N ALA D 23 -10.79 -2.12 -12.09
CA ALA D 23 -10.71 -1.43 -10.80
C ALA D 23 -10.03 -0.07 -10.97
N ASN D 24 -8.91 -0.07 -11.69
CA ASN D 24 -8.18 1.17 -11.92
C ASN D 24 -8.98 2.17 -12.72
N PHE D 25 -9.72 1.69 -13.71
CA PHE D 25 -10.60 2.56 -14.49
C PHE D 25 -11.59 3.26 -13.57
N GLU D 26 -12.26 2.49 -12.73
CA GLU D 26 -13.30 3.04 -11.87
C GLU D 26 -12.72 4.04 -10.87
N LYS D 27 -11.53 3.77 -10.35
CA LYS D 27 -10.91 4.67 -9.39
C LYS D 27 -10.41 5.95 -10.05
N ASN D 28 -9.68 5.80 -11.15
CA ASN D 28 -9.01 6.92 -11.79
C ASN D 28 -9.92 7.77 -12.67
N VAL D 29 -10.80 7.10 -13.41
CA VAL D 29 -11.60 7.78 -14.42
C VAL D 29 -13.01 8.06 -13.90
N SER D 30 -13.69 7.02 -13.44
CA SER D 30 -15.06 7.17 -12.94
C SER D 30 -15.09 7.80 -11.55
N GLN D 31 -13.96 7.78 -10.85
CA GLN D 31 -13.91 8.25 -9.48
C GLN D 31 -15.01 7.58 -8.65
N ALA D 32 -15.14 6.26 -8.81
CA ALA D 32 -16.12 5.46 -8.09
C ALA D 32 -15.41 4.49 -7.14
N ILE D 33 -15.16 4.94 -5.92
CA ILE D 33 -14.27 4.21 -5.00
C ILE D 33 -14.79 2.82 -4.62
N HIS D 34 -16.11 2.66 -4.59
CA HIS D 34 -16.68 1.39 -4.18
C HIS D 34 -16.64 0.37 -5.32
N LYS D 35 -16.85 0.81 -6.55
CA LYS D 35 -16.67 -0.07 -7.69
C LYS D 35 -15.23 -0.52 -7.76
N TYR D 36 -14.32 0.42 -7.53
CA TYR D 36 -12.90 0.13 -7.51
C TYR D 36 -12.59 -0.99 -6.52
N ASN D 37 -13.05 -0.83 -5.29
CA ASN D 37 -12.82 -1.85 -4.28
C ASN D 37 -13.58 -3.15 -4.52
N ALA D 38 -14.75 -3.06 -5.14
CA ALA D 38 -15.50 -4.27 -5.52
C ALA D 38 -14.65 -5.07 -6.51
N TYR D 39 -14.11 -4.39 -7.50
CA TYR D 39 -13.25 -5.07 -8.47
C TYR D 39 -12.00 -5.65 -7.83
N ARG D 40 -11.37 -4.92 -6.91
CA ARG D 40 -10.18 -5.44 -6.24
C ARG D 40 -10.52 -6.65 -5.37
N LYS D 41 -11.67 -6.59 -4.71
CA LYS D 41 -12.11 -7.73 -3.89
C LYS D 41 -12.29 -8.96 -4.76
N ALA D 42 -12.95 -8.80 -5.90
CA ALA D 42 -13.21 -9.92 -6.80
C ALA D 42 -11.89 -10.47 -7.36
N ALA D 43 -10.99 -9.58 -7.75
CA ALA D 43 -9.69 -9.99 -8.27
C ALA D 43 -8.94 -10.83 -7.24
N SER D 44 -8.98 -10.37 -5.98
CA SER D 44 -8.25 -11.04 -4.92
C SER D 44 -8.79 -12.43 -4.62
N VAL D 45 -10.12 -12.55 -4.54
CA VAL D 45 -10.72 -13.85 -4.21
C VAL D 45 -10.45 -14.85 -5.34
N ILE D 46 -10.47 -14.36 -6.57
CA ILE D 46 -10.16 -15.21 -7.72
C ILE D 46 -8.67 -15.59 -7.73
N ALA D 47 -7.81 -14.66 -7.32
CA ALA D 47 -6.38 -14.91 -7.34
C ALA D 47 -5.94 -16.03 -6.39
N LYS D 48 -6.74 -16.30 -5.36
CA LYS D 48 -6.37 -17.36 -4.43
C LYS D 48 -7.14 -18.66 -4.67
N TYR D 49 -8.16 -18.58 -5.54
CA TYR D 49 -8.93 -19.77 -5.94
C TYR D 49 -8.00 -20.77 -6.62
N PRO D 50 -7.92 -22.00 -6.08
CA PRO D 50 -6.87 -22.94 -6.50
C PRO D 50 -7.20 -23.75 -7.77
N HIS D 51 -8.18 -23.30 -8.55
CA HIS D 51 -8.55 -23.95 -9.80
C HIS D 51 -8.53 -22.95 -10.95
N LYS D 52 -8.11 -23.40 -12.13
CA LYS D 52 -8.25 -22.59 -13.34
C LYS D 52 -9.74 -22.46 -13.66
N ILE D 53 -10.26 -21.24 -13.54
CA ILE D 53 -11.69 -21.00 -13.71
C ILE D 53 -12.18 -21.36 -15.12
N LYS D 54 -13.29 -22.10 -15.19
CA LYS D 54 -13.82 -22.55 -16.47
C LYS D 54 -15.06 -21.81 -16.93
N SER D 55 -15.61 -20.96 -16.06
CA SER D 55 -16.83 -20.24 -16.40
C SER D 55 -17.15 -19.16 -15.37
N GLY D 56 -18.02 -18.23 -15.75
CA GLY D 56 -18.45 -17.18 -14.86
C GLY D 56 -19.31 -17.72 -13.73
N ALA D 57 -20.12 -18.73 -14.04
CA ALA D 57 -20.95 -19.37 -13.04
C ALA D 57 -20.09 -19.94 -11.93
N GLU D 58 -19.00 -20.61 -12.31
CA GLU D 58 -18.05 -21.14 -11.33
C GLU D 58 -17.46 -20.02 -10.48
N ALA D 59 -17.08 -18.91 -11.13
CA ALA D 59 -16.50 -17.78 -10.42
C ALA D 59 -17.53 -17.10 -9.50
N LYS D 60 -18.78 -17.11 -9.93
CA LYS D 60 -19.82 -16.44 -9.17
C LYS D 60 -20.06 -17.07 -7.81
N LYS D 61 -19.60 -18.31 -7.65
CA LYS D 61 -19.73 -19.00 -6.38
C LYS D 61 -18.87 -18.34 -5.31
N LEU D 62 -17.90 -17.54 -5.75
CA LEU D 62 -16.97 -16.91 -4.82
C LEU D 62 -17.52 -15.60 -4.25
N PRO D 63 -17.24 -15.34 -2.97
CA PRO D 63 -17.71 -14.11 -2.32
C PRO D 63 -17.04 -12.88 -2.93
N GLY D 64 -17.85 -11.96 -3.46
CA GLY D 64 -17.32 -10.77 -4.08
C GLY D 64 -17.49 -10.77 -5.58
N VAL D 65 -17.74 -11.95 -6.15
CA VAL D 65 -18.05 -12.05 -7.56
C VAL D 65 -19.55 -12.17 -7.74
N GLY D 66 -20.16 -11.16 -8.37
CA GLY D 66 -21.59 -11.15 -8.61
C GLY D 66 -21.95 -11.40 -10.06
N THR D 67 -23.15 -10.99 -10.45
CA THR D 67 -23.66 -11.27 -11.80
C THR D 67 -22.87 -10.55 -12.90
N LYS D 68 -22.55 -9.29 -12.67
CA LYS D 68 -21.86 -8.48 -13.67
C LYS D 68 -20.48 -9.04 -13.97
N ILE D 69 -19.70 -9.27 -12.92
CA ILE D 69 -18.36 -9.82 -13.10
C ILE D 69 -18.41 -11.21 -13.72
N ALA D 70 -19.42 -11.99 -13.35
CA ALA D 70 -19.60 -13.31 -13.94
C ALA D 70 -19.73 -13.22 -15.46
N GLU D 71 -20.57 -12.29 -15.92
CA GLU D 71 -20.75 -12.09 -17.36
C GLU D 71 -19.44 -11.69 -18.03
N LYS D 72 -18.70 -10.78 -17.40
CA LYS D 72 -17.43 -10.34 -17.97
C LYS D 72 -16.44 -11.50 -18.08
N ILE D 73 -16.45 -12.37 -17.07
CA ILE D 73 -15.60 -13.55 -17.09
C ILE D 73 -15.97 -14.52 -18.23
N ASP D 74 -17.27 -14.65 -18.48
CA ASP D 74 -17.73 -15.46 -19.60
C ASP D 74 -17.27 -14.86 -20.94
N GLU D 75 -17.37 -13.54 -21.07
CA GLU D 75 -16.86 -12.86 -22.26
C GLU D 75 -15.37 -13.09 -22.43
N PHE D 76 -14.62 -12.94 -21.34
CA PHE D 76 -13.16 -13.03 -21.41
C PHE D 76 -12.66 -14.44 -21.75
N LEU D 77 -13.33 -15.45 -21.20
CA LEU D 77 -12.94 -16.82 -21.47
C LEU D 77 -13.26 -17.22 -22.90
N ALA D 78 -14.35 -16.67 -23.42
CA ALA D 78 -14.80 -17.03 -24.76
C ALA D 78 -14.01 -16.31 -25.85
N THR D 79 -13.54 -15.10 -25.55
CA THR D 79 -12.91 -14.27 -26.58
C THR D 79 -11.47 -13.88 -26.25
N GLY D 80 -11.09 -13.99 -24.98
CA GLY D 80 -9.76 -13.62 -24.55
C GLY D 80 -9.62 -12.12 -24.30
N LYS D 81 -10.73 -11.41 -24.40
CA LYS D 81 -10.71 -9.98 -24.17
C LYS D 81 -12.05 -9.47 -23.64
N LEU D 82 -12.10 -8.19 -23.29
CA LEU D 82 -13.34 -7.56 -22.85
C LEU D 82 -13.59 -6.28 -23.65
N ARG D 83 -14.69 -6.27 -24.40
CA ARG D 83 -15.03 -5.11 -25.23
C ARG D 83 -15.01 -3.82 -24.43
N LYS D 84 -15.58 -3.86 -23.23
CA LYS D 84 -15.61 -2.68 -22.38
C LYS D 84 -14.22 -2.09 -22.19
N LEU D 85 -13.24 -2.95 -22.00
CA LEU D 85 -11.86 -2.50 -21.81
C LEU D 85 -11.19 -2.07 -23.10
N GLU D 86 -11.49 -2.79 -24.19
CA GLU D 86 -10.96 -2.42 -25.50
C GLU D 86 -11.32 -0.96 -25.81
N LYS D 87 -12.56 -0.60 -25.52
CA LYS D 87 -13.03 0.76 -25.77
C LYS D 87 -12.32 1.75 -24.86
N ILE D 88 -12.24 1.42 -23.57
CA ILE D 88 -11.57 2.29 -22.62
C ILE D 88 -10.12 2.57 -23.04
N ARG D 89 -9.41 1.54 -23.49
CA ARG D 89 -8.04 1.70 -23.94
C ARG D 89 -7.94 2.65 -25.13
N GLN D 90 -9.06 2.78 -25.85
CA GLN D 90 -9.10 3.56 -27.08
C GLN D 90 -9.55 5.01 -26.83
N ASP D 91 -9.97 5.29 -25.60
CA ASP D 91 -10.46 6.61 -25.24
C ASP D 91 -9.33 7.52 -24.78
N ASP D 92 -9.05 8.56 -25.56
CA ASP D 92 -7.94 9.46 -25.26
C ASP D 92 -7.98 9.98 -23.84
N THR D 93 -9.14 10.45 -23.41
CA THR D 93 -9.27 11.06 -22.09
C THR D 93 -8.99 10.06 -20.97
N SER D 94 -9.60 8.88 -21.06
CA SER D 94 -9.38 7.83 -20.06
C SER D 94 -7.90 7.41 -20.01
N SER D 95 -7.31 7.24 -21.18
CA SER D 95 -5.90 6.85 -21.29
C SER D 95 -5.02 7.90 -20.65
N SER D 96 -5.29 9.17 -20.95
CA SER D 96 -4.54 10.27 -20.39
C SER D 96 -4.63 10.30 -18.86
N ILE D 97 -5.85 10.29 -18.33
CA ILE D 97 -6.05 10.33 -16.89
C ILE D 97 -5.38 9.16 -16.19
N ASN D 98 -5.52 7.97 -16.77
CA ASN D 98 -4.91 6.77 -16.22
C ASN D 98 -3.39 6.91 -16.12
N PHE D 99 -2.78 7.49 -17.14
CA PHE D 99 -1.34 7.68 -17.14
C PHE D 99 -0.90 8.67 -16.07
N LEU D 100 -1.54 9.84 -16.04
CA LEU D 100 -1.17 10.88 -15.10
C LEU D 100 -1.23 10.39 -13.66
N THR D 101 -2.23 9.58 -13.33
CA THR D 101 -2.37 9.04 -11.97
C THR D 101 -1.21 8.13 -11.59
N ARG D 102 -0.38 7.76 -12.57
CA ARG D 102 0.75 6.90 -12.27
C ARG D 102 1.87 7.67 -11.57
N VAL D 103 1.80 8.99 -11.64
CA VAL D 103 2.71 9.85 -10.90
C VAL D 103 2.27 9.94 -9.44
N SER D 104 3.19 9.67 -8.52
CA SER D 104 2.87 9.76 -7.10
C SER D 104 2.46 11.20 -6.76
N GLY D 105 1.33 11.35 -6.09
CA GLY D 105 0.84 12.67 -5.73
C GLY D 105 -0.24 13.16 -6.67
N ILE D 106 -0.29 12.57 -7.86
CA ILE D 106 -1.38 12.87 -8.79
C ILE D 106 -2.43 11.77 -8.71
N GLY D 107 -3.62 12.13 -8.22
CA GLY D 107 -4.72 11.20 -8.15
C GLY D 107 -5.78 11.49 -9.21
N PRO D 108 -6.94 10.81 -9.11
CA PRO D 108 -8.03 10.94 -10.07
C PRO D 108 -8.44 12.38 -10.34
N SER D 109 -8.53 13.20 -9.30
CA SER D 109 -8.98 14.58 -9.45
C SER D 109 -7.95 15.45 -10.18
N ALA D 110 -6.74 15.50 -9.64
CA ALA D 110 -5.67 16.28 -10.26
C ALA D 110 -5.44 15.85 -11.70
N ALA D 111 -5.44 14.54 -11.94
CA ALA D 111 -5.27 14.00 -13.28
C ALA D 111 -6.30 14.59 -14.25
N ARG D 112 -7.57 14.54 -13.87
CA ARG D 112 -8.63 15.08 -14.70
C ARG D 112 -8.45 16.58 -14.91
N LYS D 113 -8.05 17.27 -13.86
CA LYS D 113 -7.81 18.72 -13.94
C LYS D 113 -6.68 19.06 -14.92
N PHE D 114 -5.57 18.32 -14.81
CA PHE D 114 -4.43 18.52 -15.71
C PHE D 114 -4.84 18.28 -17.16
N VAL D 115 -5.60 17.22 -17.40
CA VAL D 115 -6.04 16.92 -18.76
C VAL D 115 -6.89 18.06 -19.32
N ASP D 116 -7.74 18.63 -18.49
CA ASP D 116 -8.54 19.79 -18.90
C ASP D 116 -7.64 20.93 -19.35
N GLU D 117 -6.59 21.18 -18.57
CA GLU D 117 -5.69 22.30 -18.81
C GLU D 117 -4.71 22.03 -19.94
N GLY D 118 -4.86 20.88 -20.58
CA GLY D 118 -4.01 20.52 -21.70
C GLY D 118 -2.66 19.94 -21.29
N ILE D 119 -2.61 19.37 -20.09
CA ILE D 119 -1.41 18.70 -19.61
C ILE D 119 -1.70 17.21 -19.52
N LYS D 120 -1.13 16.42 -20.42
CA LYS D 120 -1.52 15.01 -20.51
C LYS D 120 -0.40 14.03 -20.87
N THR D 121 0.85 14.50 -20.91
CA THR D 121 1.96 13.59 -21.14
C THR D 121 3.13 13.88 -20.22
N LEU D 122 4.10 12.97 -20.21
CA LEU D 122 5.29 13.15 -19.38
C LEU D 122 5.98 14.44 -19.76
N GLU D 123 6.05 14.70 -21.06
CA GLU D 123 6.66 15.92 -21.57
C GLU D 123 5.92 17.17 -21.06
N ASP D 124 4.59 17.13 -21.15
CA ASP D 124 3.76 18.21 -20.62
C ASP D 124 4.08 18.48 -19.16
N LEU D 125 4.09 17.42 -18.36
CA LEU D 125 4.36 17.55 -16.93
C LEU D 125 5.69 18.23 -16.68
N ARG D 126 6.71 17.78 -17.40
CA ARG D 126 8.07 18.27 -17.19
C ARG D 126 8.23 19.76 -17.46
N LYS D 127 7.43 20.30 -18.37
CA LYS D 127 7.52 21.72 -18.70
C LYS D 127 6.53 22.58 -17.90
N ASN D 128 5.68 21.93 -17.11
CA ASN D 128 4.76 22.65 -16.24
C ASN D 128 5.00 22.31 -14.78
N GLU D 129 6.26 22.19 -14.40
CA GLU D 129 6.63 21.80 -13.06
C GLU D 129 6.05 22.73 -12.01
N ASP D 130 5.97 24.02 -12.35
CA ASP D 130 5.46 25.02 -11.41
C ASP D 130 3.96 24.87 -11.13
N LYS D 131 3.30 23.99 -11.87
CA LYS D 131 1.89 23.70 -11.64
C LYS D 131 1.68 22.51 -10.71
N LEU D 132 2.79 21.94 -10.22
CA LEU D 132 2.72 20.75 -9.36
C LEU D 132 3.01 21.12 -7.91
N ASN D 133 2.35 20.44 -6.97
CA ASN D 133 2.72 20.58 -5.57
C ASN D 133 4.02 19.81 -5.29
N HIS D 134 4.54 19.90 -4.08
CA HIS D 134 5.83 19.28 -3.79
C HIS D 134 5.83 17.77 -4.04
N HIS D 135 4.83 17.09 -3.49
CA HIS D 135 4.69 15.65 -3.65
C HIS D 135 4.75 15.27 -5.13
N GLN D 136 3.95 15.96 -5.93
CA GLN D 136 3.88 15.71 -7.37
C GLN D 136 5.22 15.94 -8.07
N ARG D 137 5.94 16.96 -7.64
N ARG D 137 5.94 16.99 -7.67
CA ARG D 137 7.24 17.30 -8.21
CA ARG D 137 7.26 17.28 -8.23
C ARG D 137 8.24 16.16 -8.03
C ARG D 137 8.21 16.10 -8.05
N ILE D 138 8.27 15.57 -6.83
CA ILE D 138 9.15 14.46 -6.54
C ILE D 138 8.67 13.19 -7.26
N GLY D 139 7.36 13.01 -7.34
CA GLY D 139 6.80 11.89 -8.07
C GLY D 139 7.24 11.90 -9.52
N LEU D 140 7.20 13.08 -10.14
CA LEU D 140 7.63 13.23 -11.52
C LEU D 140 9.13 13.00 -11.61
N LYS D 141 9.87 13.65 -10.72
CA LYS D 141 11.32 13.53 -10.67
C LYS D 141 11.75 12.07 -10.75
N TYR D 142 11.09 11.19 -9.99
CA TYR D 142 11.48 9.78 -9.94
C TYR D 142 10.48 8.86 -10.62
N PHE D 143 9.72 9.41 -11.57
CA PHE D 143 8.68 8.63 -12.22
C PHE D 143 9.17 7.26 -12.67
N GLY D 144 10.30 7.23 -13.37
CA GLY D 144 10.83 5.97 -13.87
C GLY D 144 11.24 5.01 -12.77
N ASP D 145 12.01 5.51 -11.81
CA ASP D 145 12.50 4.68 -10.71
C ASP D 145 11.39 4.04 -9.90
N PHE D 146 10.30 4.76 -9.69
CA PHE D 146 9.26 4.30 -8.78
C PHE D 146 8.43 3.14 -9.33
N GLU D 147 8.54 2.88 -10.63
CA GLU D 147 7.83 1.74 -11.20
C GLU D 147 8.73 0.49 -11.31
N LYS D 148 10.00 0.64 -10.92
CA LYS D 148 10.89 -0.51 -10.84
C LYS D 148 10.60 -1.29 -9.55
N ARG D 149 10.73 -2.61 -9.61
CA ARG D 149 10.58 -3.45 -8.43
C ARG D 149 11.87 -3.43 -7.61
N ILE D 150 11.77 -3.77 -6.33
CA ILE D 150 12.94 -3.86 -5.47
C ILE D 150 13.23 -5.31 -5.13
N PRO D 151 14.36 -5.84 -5.63
CA PRO D 151 14.70 -7.24 -5.32
C PRO D 151 14.83 -7.42 -3.81
N ARG D 152 14.43 -8.56 -3.27
CA ARG D 152 14.53 -8.75 -1.83
C ARG D 152 15.96 -8.53 -1.36
N GLU D 153 16.93 -8.87 -2.20
CA GLU D 153 18.33 -8.72 -1.83
C GLU D 153 18.66 -7.27 -1.50
N GLU D 154 18.13 -6.33 -2.28
CA GLU D 154 18.32 -4.91 -1.99
C GLU D 154 17.51 -4.51 -0.75
N MET D 155 16.35 -5.12 -0.58
CA MET D 155 15.53 -4.85 0.61
C MET D 155 16.31 -5.20 1.88
N LEU D 156 17.07 -6.29 1.81
CA LEU D 156 17.90 -6.71 2.93
C LEU D 156 18.99 -5.68 3.23
N GLN D 157 19.63 -5.18 2.20
CA GLN D 157 20.63 -4.12 2.37
C GLN D 157 20.00 -2.88 2.97
N MET D 158 18.83 -2.50 2.45
CA MET D 158 18.13 -1.32 2.96
C MET D 158 17.75 -1.52 4.42
N GLN D 159 17.26 -2.72 4.74
CA GLN D 159 16.90 -3.06 6.11
C GLN D 159 18.08 -2.87 7.03
N ASP D 160 19.24 -3.36 6.62
N ASP D 160 19.24 -3.36 6.60
CA ASP D 160 20.44 -3.28 7.45
CA ASP D 160 20.45 -3.29 7.40
C ASP D 160 20.83 -1.84 7.72
C ASP D 160 20.80 -1.84 7.72
N ILE D 161 20.72 -0.98 6.71
CA ILE D 161 21.04 0.42 6.87
C ILE D 161 20.10 1.11 7.86
N VAL D 162 18.79 0.97 7.62
CA VAL D 162 17.79 1.61 8.46
C VAL D 162 17.94 1.19 9.92
N LEU D 163 18.02 -0.13 10.15
CA LEU D 163 18.11 -0.65 11.51
C LEU D 163 19.37 -0.18 12.25
N ASN D 164 20.49 -0.14 11.55
CA ASN D 164 21.72 0.32 12.19
C ASN D 164 21.72 1.82 12.46
N GLU D 165 21.14 2.59 11.53
CA GLU D 165 21.10 4.04 11.71
C GLU D 165 20.15 4.42 12.83
N VAL D 166 19.02 3.71 12.92
CA VAL D 166 18.08 3.93 14.01
C VAL D 166 18.75 3.64 15.35
N LYS D 167 19.46 2.52 15.41
CA LYS D 167 20.22 2.13 16.60
C LYS D 167 21.19 3.23 17.01
N LYS D 168 21.79 3.89 16.02
CA LYS D 168 22.77 4.94 16.29
C LYS D 168 22.14 6.17 16.96
N VAL D 169 20.91 6.47 16.59
CA VAL D 169 20.19 7.59 17.22
C VAL D 169 19.80 7.24 18.65
N ASP D 170 19.23 6.06 18.85
CA ASP D 170 18.83 5.61 20.19
C ASP D 170 18.65 4.11 20.21
N SER D 171 19.40 3.43 21.06
CA SER D 171 19.36 1.98 21.15
C SER D 171 18.00 1.46 21.57
N GLU D 172 17.13 2.36 22.06
CA GLU D 172 15.80 1.96 22.52
C GLU D 172 14.75 1.92 21.40
N TYR D 173 15.05 2.55 20.27
CA TYR D 173 14.21 2.41 19.10
C TYR D 173 14.13 0.95 18.65
N ILE D 174 12.95 0.52 18.24
CA ILE D 174 12.81 -0.73 17.52
C ILE D 174 12.24 -0.41 16.15
N ALA D 175 12.92 -0.87 15.10
CA ALA D 175 12.44 -0.68 13.74
C ALA D 175 12.17 -2.02 13.08
N THR D 176 10.97 -2.18 12.55
CA THR D 176 10.55 -3.42 11.92
C THR D 176 10.11 -3.15 10.48
N VAL D 177 10.71 -3.83 9.52
CA VAL D 177 10.27 -3.70 8.13
C VAL D 177 9.05 -4.58 7.90
N CYS D 178 7.95 -3.96 7.49
CA CYS D 178 6.71 -4.69 7.29
C CYS D 178 6.36 -4.75 5.80
N GLY D 179 5.11 -4.43 5.48
CA GLY D 179 4.64 -4.50 4.11
C GLY D 179 4.89 -5.82 3.43
N SER D 180 5.07 -5.80 2.12
CA SER D 180 5.28 -7.03 1.35
C SER D 180 6.56 -7.76 1.78
N PHE D 181 7.53 -7.01 2.30
CA PHE D 181 8.78 -7.63 2.75
C PHE D 181 8.56 -8.61 3.89
N ARG D 182 7.75 -8.21 4.87
CA ARG D 182 7.50 -9.06 6.02
C ARG D 182 6.65 -10.28 5.62
N ARG D 183 5.90 -10.16 4.53
CA ARG D 183 5.12 -11.27 4.01
C ARG D 183 5.95 -12.22 3.15
N GLY D 184 7.24 -11.95 3.07
CA GLY D 184 8.17 -12.84 2.41
C GLY D 184 8.31 -12.68 0.90
N ALA D 185 7.79 -11.59 0.36
CA ALA D 185 7.84 -11.37 -1.08
C ALA D 185 9.28 -11.34 -1.59
N GLU D 186 9.51 -11.87 -2.79
CA GLU D 186 10.84 -11.85 -3.39
C GLU D 186 11.17 -10.48 -4.00
N SER D 187 10.15 -9.64 -4.14
CA SER D 187 10.37 -8.26 -4.54
C SER D 187 9.26 -7.38 -3.94
N SER D 188 9.58 -6.10 -3.72
CA SER D 188 8.65 -5.16 -3.12
C SER D 188 8.54 -3.88 -3.93
N GLY D 189 7.38 -3.24 -3.86
CA GLY D 189 7.18 -1.96 -4.52
C GLY D 189 7.86 -0.82 -3.77
N ASP D 190 8.04 -1.00 -2.47
CA ASP D 190 8.67 0.00 -1.62
C ASP D 190 9.14 -0.62 -0.31
N MET D 191 9.65 0.21 0.58
CA MET D 191 9.99 -0.25 1.93
C MET D 191 9.11 0.42 2.98
N ASP D 192 8.51 -0.40 3.84
CA ASP D 192 7.66 0.10 4.91
C ASP D 192 8.28 -0.24 6.26
N VAL D 193 8.52 0.79 7.06
CA VAL D 193 9.21 0.63 8.33
C VAL D 193 8.37 1.07 9.52
N LEU D 194 8.08 0.12 10.40
N LEU D 194 8.08 0.12 10.42
CA LEU D 194 7.36 0.42 11.63
CA LEU D 194 7.33 0.43 11.63
C LEU D 194 8.38 0.82 12.67
C LEU D 194 8.31 0.76 12.74
N LEU D 195 8.09 1.89 13.41
CA LEU D 195 9.01 2.36 14.43
C LEU D 195 8.32 2.46 15.79
N THR D 196 8.98 1.98 16.83
CA THR D 196 8.52 2.18 18.19
C THR D 196 9.66 2.69 19.07
N HIS D 197 9.30 3.47 20.07
CA HIS D 197 10.22 3.93 21.10
C HIS D 197 9.49 3.97 22.43
N PRO D 198 10.14 3.50 23.50
CA PRO D 198 9.51 3.47 24.83
C PRO D 198 8.90 4.81 25.27
N SER D 199 9.40 5.92 24.73
CA SER D 199 8.93 7.24 25.14
C SER D 199 7.57 7.63 24.52
N PHE D 200 7.14 6.88 23.52
CA PHE D 200 5.87 7.15 22.88
C PHE D 200 4.94 5.96 23.06
N THR D 201 3.97 6.14 23.94
CA THR D 201 2.93 5.14 24.19
C THR D 201 1.56 5.79 24.04
N SER D 202 0.51 4.98 24.17
CA SER D 202 -0.84 5.52 24.10
C SER D 202 -1.13 6.41 25.31
N GLU D 203 -0.28 6.30 26.33
CA GLU D 203 -0.48 7.03 27.56
C GLU D 203 0.18 8.41 27.56
N SER D 204 1.34 8.51 26.93
CA SER D 204 2.03 9.78 26.88
C SER D 204 3.09 9.85 25.80
N THR D 205 3.51 11.07 25.50
CA THR D 205 4.68 11.33 24.67
C THR D 205 5.70 12.02 25.56
N LYS D 206 6.66 11.25 26.08
CA LYS D 206 7.65 11.76 27.01
C LYS D 206 8.85 12.33 26.29
N GLN D 207 8.78 12.38 24.96
CA GLN D 207 9.90 12.81 24.16
C GLN D 207 9.42 13.32 22.80
N PRO D 208 9.88 14.51 22.39
CA PRO D 208 9.48 15.10 21.11
C PRO D 208 10.45 14.71 20.00
N LYS D 209 10.06 14.94 18.75
CA LYS D 209 10.96 14.76 17.62
C LYS D 209 11.43 13.32 17.42
N LEU D 210 10.66 12.36 17.94
CA LEU D 210 11.05 10.95 17.86
C LEU D 210 11.19 10.46 16.41
N LEU D 211 10.20 10.77 15.58
CA LEU D 211 10.28 10.38 14.18
C LEU D 211 11.29 11.27 13.47
N HIS D 212 11.30 12.55 13.83
CA HIS D 212 12.19 13.52 13.20
C HIS D 212 13.66 13.10 13.28
N GLN D 213 14.13 12.81 14.49
CA GLN D 213 15.53 12.45 14.71
C GLN D 213 15.98 11.29 13.82
N VAL D 214 15.05 10.38 13.56
CA VAL D 214 15.36 9.22 12.73
C VAL D 214 15.44 9.61 11.25
N VAL D 215 14.49 10.43 10.80
CA VAL D 215 14.55 10.94 9.44
C VAL D 215 15.84 11.73 9.22
N GLU D 216 16.16 12.59 10.18
CA GLU D 216 17.38 13.40 10.13
C GLU D 216 18.63 12.55 9.94
N GLN D 217 18.79 11.55 10.79
CA GLN D 217 19.94 10.65 10.74
C GLN D 217 20.03 10.01 9.37
N LEU D 218 18.90 9.51 8.88
CA LEU D 218 18.86 8.84 7.57
C LEU D 218 19.17 9.79 6.42
N GLN D 219 18.80 11.05 6.57
CA GLN D 219 19.18 12.08 5.60
C GLN D 219 20.67 12.38 5.72
N LYS D 220 21.12 12.47 6.96
CA LYS D 220 22.52 12.79 7.27
C LYS D 220 23.46 11.83 6.54
N VAL D 221 23.12 10.54 6.54
CA VAL D 221 23.95 9.54 5.87
C VAL D 221 23.58 9.37 4.40
N HIS D 222 22.74 10.26 3.90
CA HIS D 222 22.37 10.29 2.49
C HIS D 222 21.57 9.07 2.05
N PHE D 223 20.93 8.39 2.99
CA PHE D 223 20.02 7.30 2.63
C PHE D 223 18.69 7.87 2.16
N ILE D 224 18.03 8.64 3.02
CA ILE D 224 16.85 9.37 2.59
C ILE D 224 17.27 10.56 1.75
N THR D 225 16.62 10.73 0.60
CA THR D 225 17.04 11.73 -0.38
C THR D 225 15.98 12.83 -0.59
N ASP D 226 14.71 12.47 -0.40
CA ASP D 226 13.64 13.43 -0.61
C ASP D 226 12.48 13.13 0.35
N THR D 227 11.66 14.14 0.59
CA THR D 227 10.48 13.97 1.45
C THR D 227 9.21 14.28 0.67
N LEU D 228 8.23 13.38 0.74
CA LEU D 228 6.93 13.60 0.11
C LEU D 228 5.97 14.25 1.09
N SER D 229 5.98 13.75 2.32
CA SER D 229 5.21 14.35 3.40
C SER D 229 5.79 13.88 4.72
N LYS D 230 5.46 14.58 5.80
CA LYS D 230 6.04 14.28 7.09
C LYS D 230 5.26 14.94 8.22
N GLY D 231 4.83 14.12 9.17
CA GLY D 231 4.19 14.60 10.39
C GLY D 231 4.87 13.99 11.59
N GLU D 232 4.19 14.02 12.74
N GLU D 232 4.19 14.03 12.73
CA GLU D 232 4.76 13.51 13.98
CA GLU D 232 4.73 13.50 13.98
C GLU D 232 4.79 11.98 14.05
C GLU D 232 4.82 11.99 14.02
N THR D 233 3.95 11.31 13.27
CA THR D 233 3.89 9.83 13.31
C THR D 233 4.08 9.12 11.97
N LYS D 234 4.12 9.87 10.88
CA LYS D 234 4.22 9.28 9.55
C LYS D 234 5.16 10.05 8.63
N PHE D 235 6.10 9.34 8.03
CA PHE D 235 6.98 9.92 7.03
C PHE D 235 6.80 9.20 5.70
N MET D 236 6.80 9.97 4.63
N MET D 236 6.74 9.98 4.63
CA MET D 236 6.66 9.42 3.28
CA MET D 236 6.69 9.42 3.29
C MET D 236 7.67 10.08 2.36
C MET D 236 7.74 10.10 2.44
N GLY D 237 8.69 9.32 1.94
CA GLY D 237 9.75 9.90 1.15
C GLY D 237 10.47 8.95 0.22
N VAL D 238 11.72 9.28 -0.05
CA VAL D 238 12.52 8.58 -1.03
C VAL D 238 13.87 8.26 -0.42
N CYS D 239 14.42 7.11 -0.78
CA CYS D 239 15.72 6.69 -0.27
C CYS D 239 16.51 6.03 -1.40
N GLN D 240 17.80 5.83 -1.18
CA GLN D 240 18.65 5.22 -2.19
C GLN D 240 19.83 4.50 -1.54
N LEU D 241 20.07 3.26 -1.98
CA LEU D 241 21.22 2.50 -1.52
C LEU D 241 22.49 3.10 -2.10
N PRO D 242 23.58 3.09 -1.32
CA PRO D 242 24.87 3.56 -1.85
C PRO D 242 25.43 2.53 -2.84
N SER D 243 26.12 3.02 -3.85
CA SER D 243 26.72 2.14 -4.85
C SER D 243 28.23 2.11 -4.69
N LYS D 244 28.90 1.29 -5.47
CA LYS D 244 30.35 1.16 -5.37
C LYS D 244 31.04 1.92 -6.51
N ASN D 245 32.34 2.14 -6.38
CA ASN D 245 33.12 2.84 -7.40
C ASN D 245 32.87 2.30 -8.81
N ASP D 246 32.65 3.21 -9.75
CA ASP D 246 32.42 2.88 -11.15
C ASP D 246 31.07 2.18 -11.40
N GLU D 247 30.35 1.86 -10.32
CA GLU D 247 29.05 1.21 -10.43
C GLU D 247 27.95 2.19 -10.78
N LYS D 248 27.04 1.79 -11.65
CA LYS D 248 25.85 2.60 -11.90
C LYS D 248 25.09 2.69 -10.58
N GLU D 249 24.37 3.79 -10.38
CA GLU D 249 23.64 3.96 -9.13
C GLU D 249 22.40 3.07 -9.09
N TYR D 250 21.93 2.80 -7.87
CA TYR D 250 20.65 2.12 -7.70
C TYR D 250 19.54 3.10 -7.96
N PRO D 251 18.37 2.60 -8.37
CA PRO D 251 17.21 3.48 -8.51
C PRO D 251 16.82 4.07 -7.17
N HIS D 252 16.21 5.25 -7.18
CA HIS D 252 15.64 5.78 -5.94
C HIS D 252 14.39 4.97 -5.62
N ARG D 253 14.10 4.82 -4.33
CA ARG D 253 13.00 3.97 -3.86
C ARG D 253 12.08 4.72 -2.92
N ARG D 254 10.80 4.38 -2.96
CA ARG D 254 9.85 4.93 -2.01
C ARG D 254 10.07 4.31 -0.65
N ILE D 255 9.97 5.10 0.41
CA ILE D 255 10.03 4.59 1.77
C ILE D 255 8.96 5.27 2.64
N ASP D 256 8.25 4.46 3.41
CA ASP D 256 7.25 4.94 4.35
C ASP D 256 7.70 4.55 5.74
N ILE D 257 7.61 5.47 6.69
CA ILE D 257 7.92 5.16 8.08
C ILE D 257 6.76 5.54 8.99
N ARG D 258 6.32 4.60 9.82
CA ARG D 258 5.20 4.83 10.71
C ARG D 258 5.60 4.60 12.17
N LEU D 259 5.52 5.65 12.97
CA LEU D 259 5.79 5.58 14.40
C LEU D 259 4.50 5.25 15.12
N ILE D 260 4.52 4.16 15.89
CA ILE D 260 3.33 3.66 16.58
C ILE D 260 3.61 3.57 18.07
N PRO D 261 2.61 3.91 18.91
CA PRO D 261 2.79 3.76 20.37
C PRO D 261 3.31 2.36 20.71
N LYS D 262 4.35 2.29 21.54
CA LYS D 262 4.99 1.01 21.80
C LYS D 262 4.03 -0.03 22.38
N ASP D 263 3.06 0.42 23.18
CA ASP D 263 2.12 -0.51 23.79
C ASP D 263 1.04 -0.98 22.83
N GLN D 264 1.01 -0.42 21.62
CA GLN D 264 0.07 -0.84 20.59
C GLN D 264 0.79 -1.45 19.38
N TYR D 265 1.94 -2.07 19.64
CA TYR D 265 2.77 -2.65 18.59
C TYR D 265 2.06 -3.72 17.75
N TYR D 266 1.28 -4.59 18.38
CA TYR D 266 0.68 -5.72 17.67
C TYR D 266 -0.42 -5.29 16.70
N CYS D 267 -1.25 -4.33 17.09
CA CYS D 267 -2.21 -3.78 16.14
C CYS D 267 -1.46 -3.05 15.04
N GLY D 268 -0.37 -2.38 15.43
CA GLY D 268 0.46 -1.67 14.49
C GLY D 268 1.08 -2.55 13.43
N VAL D 269 1.73 -3.63 13.88
CA VAL D 269 2.41 -4.52 12.95
C VAL D 269 1.42 -5.34 12.13
N LEU D 270 0.25 -5.65 12.69
CA LEU D 270 -0.79 -6.33 11.91
C LEU D 270 -1.19 -5.42 10.76
N TYR D 271 -1.46 -4.16 11.08
CA TYR D 271 -1.79 -3.17 10.06
C TYR D 271 -0.71 -3.04 8.98
N PHE D 272 0.52 -2.78 9.39
CA PHE D 272 1.59 -2.44 8.44
C PHE D 272 2.06 -3.67 7.66
N THR D 273 1.75 -4.85 8.15
CA THR D 273 2.13 -6.07 7.45
C THR D 273 1.19 -6.36 6.26
N GLY D 274 -0.08 -5.95 6.38
CA GLY D 274 -1.03 -6.12 5.29
C GLY D 274 -1.23 -7.56 4.86
N SER D 275 -1.53 -7.79 3.59
CA SER D 275 -1.66 -6.74 2.57
C SER D 275 -2.84 -5.82 2.83
N ASP D 276 -2.99 -4.80 1.98
CA ASP D 276 -4.11 -3.87 2.11
C ASP D 276 -5.46 -4.59 2.01
N ILE D 277 -5.61 -5.46 1.02
CA ILE D 277 -6.87 -6.20 0.87
C ILE D 277 -7.12 -7.15 2.04
N PHE D 278 -6.04 -7.73 2.58
CA PHE D 278 -6.18 -8.62 3.74
C PHE D 278 -6.71 -7.86 4.95
N ASN D 279 -6.13 -6.69 5.21
CA ASN D 279 -6.62 -5.80 6.26
C ASN D 279 -8.08 -5.44 6.07
N LYS D 280 -8.44 -5.06 4.85
CA LYS D 280 -9.82 -4.67 4.53
C LYS D 280 -10.78 -5.82 4.82
N ASN D 281 -10.42 -7.00 4.34
CA ASN D 281 -11.22 -8.19 4.59
C ASN D 281 -11.28 -8.52 6.07
N MET D 282 -10.14 -8.42 6.76
CA MET D 282 -10.09 -8.78 8.18
C MET D 282 -10.92 -7.80 9.02
N ARG D 283 -10.82 -6.52 8.68
CA ARG D 283 -11.58 -5.48 9.37
C ARG D 283 -13.07 -5.60 9.08
N ALA D 284 -13.41 -5.93 7.84
CA ALA D 284 -14.80 -6.21 7.49
C ALA D 284 -15.36 -7.35 8.33
N HIS D 285 -14.59 -8.44 8.44
CA HIS D 285 -14.99 -9.57 9.27
C HIS D 285 -15.17 -9.17 10.74
N ALA D 286 -14.22 -8.40 11.25
CA ALA D 286 -14.31 -7.88 12.60
C ALA D 286 -15.65 -7.20 12.85
N LEU D 287 -16.05 -6.32 11.94
CA LEU D 287 -17.34 -5.64 12.05
C LEU D 287 -18.48 -6.66 12.13
N GLU D 288 -18.40 -7.72 11.33
CA GLU D 288 -19.43 -8.75 11.35
C GLU D 288 -19.46 -9.51 12.67
N LYS D 289 -18.32 -9.54 13.36
CA LYS D 289 -18.23 -10.18 14.66
C LYS D 289 -18.45 -9.19 15.79
N GLY D 290 -18.73 -7.93 15.43
CA GLY D 290 -18.99 -6.91 16.42
C GLY D 290 -17.76 -6.25 17.01
N PHE D 291 -16.71 -6.15 16.20
CA PHE D 291 -15.49 -5.46 16.61
C PHE D 291 -15.08 -4.48 15.53
N THR D 292 -14.33 -3.45 15.91
CA THR D 292 -13.68 -2.62 14.91
C THR D 292 -12.18 -2.62 15.16
N ILE D 293 -11.40 -2.75 14.08
CA ILE D 293 -9.95 -2.83 14.19
C ILE D 293 -9.28 -1.69 13.42
N ASN D 294 -8.36 -1.00 14.09
CA ASN D 294 -7.49 -0.05 13.40
C ASN D 294 -6.03 -0.38 13.75
N GLU D 295 -5.10 0.50 13.39
CA GLU D 295 -3.69 0.19 13.61
C GLU D 295 -3.28 0.36 15.07
N TYR D 296 -4.21 0.84 15.89
CA TYR D 296 -3.93 1.09 17.30
C TYR D 296 -4.58 0.06 18.22
N THR D 297 -5.84 -0.24 17.96
CA THR D 297 -6.62 -1.05 18.88
C THR D 297 -7.63 -1.93 18.18
N ILE D 298 -8.13 -2.93 18.91
CA ILE D 298 -9.37 -3.58 18.55
C ILE D 298 -10.36 -3.26 19.65
N ARG D 299 -11.54 -2.79 19.28
N ARG D 299 -11.54 -2.80 19.27
CA ARG D 299 -12.55 -2.40 20.25
CA ARG D 299 -12.56 -2.39 20.23
C ARG D 299 -13.86 -3.10 19.92
C ARG D 299 -13.87 -3.09 19.91
N PRO D 300 -14.66 -3.41 20.95
CA PRO D 300 -15.98 -3.99 20.71
C PRO D 300 -16.93 -2.92 20.21
N LEU D 301 -17.97 -3.32 19.50
CA LEU D 301 -19.02 -2.40 19.11
C LEU D 301 -20.25 -2.60 20.00
N GLY D 302 -20.69 -1.52 20.65
CA GLY D 302 -21.85 -1.57 21.52
C GLY D 302 -23.13 -1.72 20.75
N VAL D 303 -24.23 -1.96 21.47
CA VAL D 303 -25.55 -2.11 20.85
C VAL D 303 -25.84 -0.93 19.93
N THR D 304 -25.49 0.27 20.40
CA THR D 304 -25.66 1.49 19.62
C THR D 304 -24.84 1.40 18.34
N VAL D 306 -21.51 2.36 18.63
CA VAL D 306 -20.31 3.09 19.05
C VAL D 306 -19.21 2.13 19.49
N ALA D 307 -17.97 2.44 19.09
CA ALA D 307 -16.83 1.65 19.51
C ALA D 307 -16.58 1.82 21.01
N GLY D 308 -16.32 0.71 21.69
CA GLY D 308 -16.05 0.73 23.11
C GLY D 308 -14.58 0.88 23.42
N GLU D 309 -14.18 0.50 24.62
CA GLU D 309 -12.80 0.64 25.08
C GLU D 309 -11.92 -0.46 24.52
N PRO D 310 -10.63 -0.15 24.31
CA PRO D 310 -9.70 -1.08 23.66
C PRO D 310 -9.51 -2.38 24.45
N LEU D 311 -9.44 -3.49 23.73
CA LEU D 311 -9.29 -4.80 24.35
C LEU D 311 -7.81 -5.12 24.58
N PRO D 312 -7.52 -5.94 25.60
CA PRO D 312 -6.13 -6.34 25.81
C PRO D 312 -5.60 -7.15 24.63
N VAL D 313 -4.41 -6.80 24.16
CA VAL D 313 -3.80 -7.51 23.04
C VAL D 313 -2.33 -7.73 23.34
N ASP D 314 -1.87 -8.98 23.29
CA ASP D 314 -0.49 -9.28 23.60
C ASP D 314 0.22 -10.06 22.51
N SER D 315 -0.41 -10.14 21.35
CA SER D 315 0.16 -10.82 20.20
C SER D 315 -0.72 -10.53 19.01
N GLU D 316 -0.19 -10.73 17.81
CA GLU D 316 -0.99 -10.61 16.61
C GLU D 316 -2.12 -11.62 16.69
N LYS D 317 -1.81 -12.82 17.19
CA LYS D 317 -2.78 -13.89 17.27
C LYS D 317 -3.97 -13.52 18.13
N ASP D 318 -3.73 -12.74 19.18
CA ASP D 318 -4.81 -12.29 20.05
C ASP D 318 -5.89 -11.60 19.24
N ILE D 319 -5.46 -10.79 18.27
CA ILE D 319 -6.40 -10.08 17.41
C ILE D 319 -7.25 -11.04 16.58
N PHE D 320 -6.59 -12.04 16.00
CA PHE D 320 -7.30 -13.08 15.23
C PHE D 320 -8.31 -13.81 16.11
N ASP D 321 -7.91 -14.14 17.33
CA ASP D 321 -8.77 -14.83 18.28
C ASP D 321 -10.09 -14.09 18.50
N TYR D 322 -10.02 -12.79 18.77
CA TYR D 322 -11.22 -12.01 19.06
C TYR D 322 -12.29 -12.17 17.99
N ILE D 323 -11.86 -12.13 16.73
CA ILE D 323 -12.81 -12.20 15.63
C ILE D 323 -12.99 -13.63 15.13
N GLN D 324 -12.38 -14.57 15.86
CA GLN D 324 -12.57 -16.00 15.61
C GLN D 324 -12.06 -16.44 14.24
N TRP D 325 -10.87 -15.97 13.91
CA TRP D 325 -10.13 -16.45 12.76
C TRP D 325 -8.94 -17.24 13.25
N LYS D 326 -8.64 -18.35 12.60
CA LYS D 326 -7.40 -19.06 12.87
C LYS D 326 -6.23 -18.19 12.41
N TYR D 327 -5.16 -18.20 13.19
CA TYR D 327 -4.03 -17.33 12.91
C TYR D 327 -3.49 -17.54 11.51
N ARG D 328 -3.06 -16.45 10.87
CA ARG D 328 -2.46 -16.54 9.56
C ARG D 328 -1.10 -15.86 9.54
N GLU D 329 -0.06 -16.63 9.22
CA GLU D 329 1.29 -16.09 9.14
C GLU D 329 1.36 -15.01 8.07
N PRO D 330 2.27 -14.05 8.24
CA PRO D 330 2.44 -12.96 7.26
C PRO D 330 2.49 -13.48 5.81
N LYS D 331 3.25 -14.54 5.57
CA LYS D 331 3.40 -15.08 4.21
C LYS D 331 2.07 -15.53 3.61
N ASP D 332 1.05 -15.68 4.45
CA ASP D 332 -0.25 -16.11 3.98
C ASP D 332 -1.27 -14.98 3.98
N ARG D 333 -0.80 -13.74 4.06
CA ARG D 333 -1.68 -12.58 4.09
C ARG D 333 -1.57 -11.76 2.81
N SER D 334 -0.98 -12.34 1.77
CA SER D 334 -0.79 -11.63 0.51
C SER D 334 -2.02 -11.72 -0.38
N GLU D 335 -3.08 -11.01 -0.01
CA GLU D 335 -4.30 -10.99 -0.80
C GLU D 335 -4.36 -9.73 -1.66
MG MG E . 4.35 1.78 1.55
NA NA F . -0.72 8.81 -8.44
MG MG G . 4.96 -1.64 0.73
N1 1GC H . -6.11 -0.10 4.32
C2 1GC H . -5.46 -0.71 5.35
N2 1GC H . -6.18 -1.10 6.42
N3 1GC H . -4.12 -0.97 5.35
C4 1GC H . -3.46 -0.57 4.26
C5 1GC H . -4.03 0.06 3.16
C6 1GC H . -5.44 0.32 3.19
O6 1GC H . -6.01 0.88 2.26
N7 1GC H . -3.02 0.33 2.22
C8 1GC H . -1.88 -0.14 2.74
N9 1GC H . -2.11 -0.70 3.99
PA 1GC H . 2.01 -0.41 0.76
PB 1GC H . 2.51 -3.41 0.35
PG 1GC H . 4.23 -3.44 -2.01
C1' 1GC H . -1.15 -1.32 4.89
O1A 1GC H . 3.54 -0.18 0.99
O1B 1GC H . 1.51 -4.36 0.92
O1G 1GC H . 4.83 -2.13 -1.49
C2' 1GC H . -0.93 -2.77 4.55
O2A 1GC H . 1.47 0.77 -0.01
O2B 1GC H . 3.63 -3.06 1.36
O2G 1GC H . 3.47 -3.17 -3.27
C3' 1GC H . 0.29 -2.75 3.70
O3' 1GC H . 0.99 -4.00 3.78
C3A 1GC H . 1.73 -1.89 -0.21
O3B 1GC H . 3.24 -4.05 -0.90
O3G 1GC H . 5.41 -4.48 -2.30
C4' 1GC H . 1.08 -1.66 4.31
O4' 1GC H . 0.08 -0.66 4.73
C5' 1GC H . 1.99 -1.06 3.26
O5' 1GC H . 1.25 -0.66 2.10
#